data_5RP7
#
_entry.id   5RP7
#
_cell.length_a   68.040
_cell.length_b   68.040
_cell.length_c   102.190
_cell.angle_alpha   90.000
_cell.angle_beta   90.000
_cell.angle_gamma   90.000
#
_symmetry.space_group_name_H-M   'P 43 21 2'
#
loop_
_entity.id
_entity.type
_entity.pdbx_description
1 polymer 'Proteinase K'
2 non-polymer 'SULFATE ION'
3 non-polymer N-(pyridin-4-ylmethyl)-2,3-dihydro-1,4-benzodioxin-6-amine
4 water water
#
_entity_poly.entity_id   1
_entity_poly.type   'polypeptide(L)'
_entity_poly.pdbx_seq_one_letter_code
;AAQTNAPWGLARISSTSPGTSTYYYDESAGQGSCVYVIDTGIEASHPEFEGRAQMVKTYYYSSRDGNGHGTHCAGTVGSR
TYGVAKKTQLFGVKVLDDNGSGQYSTIIAGMDFVASDKNNRNCPKGVVASLSLGGGYSSSVNSAAARLQSSGVMVAVAAG
NNNADARNYSPASEPSVCTVGASDRYDRRSSFSNYGSVLDIFGPGTDILSTWIGGSTRSISGTSMATPHVAGLAAYLMTL
GKTTAASACRYIADTANKGDLSNIPFGTVNLLAYNNYQA
;
_entity_poly.pdbx_strand_id   A
#
# COMPACT_ATOMS: atom_id res chain seq x y z
N ALA A 1 15.01 11.19 -11.11
CA ALA A 1 15.90 10.83 -10.00
C ALA A 1 16.19 9.33 -10.02
N ALA A 2 17.36 8.97 -9.50
CA ALA A 2 17.79 7.57 -9.43
C ALA A 2 18.29 7.27 -8.02
N GLN A 3 17.76 6.21 -7.43
CA GLN A 3 18.22 5.71 -6.14
C GLN A 3 18.97 4.40 -6.41
N THR A 4 20.29 4.41 -6.24
CA THR A 4 21.05 3.20 -6.45
C THR A 4 20.91 2.26 -5.25
N ASN A 5 21.14 0.98 -5.52
CA ASN A 5 21.07 -0.07 -4.49
C ASN A 5 19.77 0.02 -3.71
N ALA A 6 18.68 0.17 -4.45
CA ALA A 6 17.36 0.26 -3.86
C ALA A 6 16.83 -1.13 -3.53
N PRO A 7 15.85 -1.25 -2.65
CA PRO A 7 15.19 -2.54 -2.46
C PRO A 7 14.62 -3.00 -3.79
N TRP A 8 14.62 -4.33 -4.00
CA TRP A 8 14.26 -4.85 -5.32
C TRP A 8 12.86 -4.39 -5.74
N GLY A 9 11.93 -4.24 -4.79
CA GLY A 9 10.56 -3.88 -5.14
C GLY A 9 10.46 -2.48 -5.71
N LEU A 10 11.23 -1.53 -5.15
CA LEU A 10 11.26 -0.20 -5.73
C LEU A 10 11.84 -0.24 -7.14
N ALA A 11 12.96 -0.94 -7.31
CA ALA A 11 13.52 -1.05 -8.66
C ALA A 11 12.52 -1.69 -9.60
N ARG A 12 11.77 -2.69 -9.11
CA ARG A 12 10.82 -3.38 -9.99
C ARG A 12 9.72 -2.45 -10.47
N ILE A 13 9.21 -1.58 -9.59
CA ILE A 13 8.08 -0.74 -10.01
C ILE A 13 8.47 0.33 -11.00
N SER A 14 9.76 0.60 -11.18
CA SER A 14 10.19 1.54 -12.22
C SER A 14 10.87 0.85 -13.40
N SER A 15 10.68 -0.45 -13.56
CA SER A 15 11.39 -1.20 -14.58
C SER A 15 10.45 -2.01 -15.45
N THR A 16 10.82 -2.13 -16.73
CA THR A 16 10.19 -3.07 -17.63
C THR A 16 10.74 -4.49 -17.49
N SER A 17 11.73 -4.71 -16.63
CA SER A 17 12.35 -6.02 -16.49
C SER A 17 12.67 -6.28 -15.03
N PRO A 18 12.60 -7.53 -14.58
CA PRO A 18 13.14 -7.86 -13.25
C PRO A 18 14.66 -7.87 -13.29
N GLY A 19 15.24 -7.94 -12.10
CA GLY A 19 16.69 -8.13 -11.99
C GLY A 19 17.53 -6.88 -12.02
N THR A 20 16.95 -5.71 -11.77
CA THR A 20 17.73 -4.48 -11.64
C THR A 20 17.59 -3.97 -10.21
N SER A 21 18.45 -3.00 -9.85
CA SER A 21 18.52 -2.57 -8.47
C SER A 21 18.52 -1.06 -8.29
N THR A 22 18.18 -0.29 -9.31
CA THR A 22 18.07 1.16 -9.18
C THR A 22 16.62 1.54 -9.36
N TYR A 23 16.12 2.40 -8.48
CA TYR A 23 14.75 2.92 -8.53
C TYR A 23 14.78 4.30 -9.22
N TYR A 24 14.00 4.47 -10.29
CA TYR A 24 13.93 5.73 -11.03
C TYR A 24 12.55 6.34 -10.84
N TYR A 25 12.50 7.63 -10.52
CA TYR A 25 11.21 8.26 -10.26
C TYR A 25 11.35 9.78 -10.43
N ASP A 26 10.23 10.42 -10.74
CA ASP A 26 10.20 11.87 -10.82
C ASP A 26 10.43 12.47 -9.43
N GLU A 27 11.27 13.52 -9.38
CA GLU A 27 11.68 14.10 -8.10
C GLU A 27 10.54 14.71 -7.31
N SER A 28 9.38 14.95 -7.92
CA SER A 28 8.23 15.45 -7.15
C SER A 28 7.88 14.48 -6.02
N ALA A 29 8.04 13.18 -6.26
CA ALA A 29 8.10 12.18 -5.20
C ALA A 29 6.88 12.18 -4.28
N GLY A 30 5.69 12.49 -4.81
CA GLY A 30 4.51 12.50 -3.98
C GLY A 30 4.34 13.71 -3.08
N GLN A 31 5.17 14.74 -3.25
CA GLN A 31 4.99 15.98 -2.49
C GLN A 31 3.58 16.52 -2.69
N GLY A 32 2.93 16.91 -1.59
CA GLY A 32 1.59 17.47 -1.67
C GLY A 32 0.47 16.44 -1.61
N SER A 33 0.79 15.16 -1.62
CA SER A 33 -0.16 14.08 -1.40
C SER A 33 -0.09 13.62 0.05
N CYS A 34 -1.05 12.80 0.45
CA CYS A 34 -1.08 12.23 1.79
C CYS A 34 -1.48 10.77 1.68
N VAL A 35 -0.86 9.93 2.50
CA VAL A 35 -1.21 8.51 2.57
C VAL A 35 -1.50 8.15 4.00
N TYR A 36 -2.70 7.63 4.25
CA TYR A 36 -3.07 7.06 5.54
C TYR A 36 -2.68 5.59 5.55
N VAL A 37 -2.02 5.17 6.62
CA VAL A 37 -1.63 3.79 6.83
C VAL A 37 -2.45 3.29 8.00
N ILE A 38 -3.43 2.45 7.71
CA ILE A 38 -4.42 1.99 8.66
C ILE A 38 -3.95 0.61 9.09
N ASP A 39 -3.41 0.51 10.31
CA ASP A 39 -2.56 -0.62 10.68
C ASP A 39 -2.28 -0.65 12.17
N THR A 40 -1.09 -1.14 12.56
CA THR A 40 -0.69 -1.21 13.96
C THR A 40 -0.07 0.09 14.47
N GLY A 41 -0.05 1.13 13.65
CA GLY A 41 0.60 2.38 14.00
C GLY A 41 1.82 2.61 13.13
N ILE A 42 2.52 3.72 13.40
CA ILE A 42 3.77 4.06 12.73
C ILE A 42 4.72 4.63 13.77
N GLU A 43 5.97 4.17 13.78
CA GLU A 43 7.01 4.79 14.59
C GLU A 43 7.48 6.04 13.85
N ALA A 44 6.74 7.12 14.08
CA ALA A 44 6.99 8.36 13.36
C ALA A 44 8.37 8.95 13.63
N SER A 45 8.98 8.62 14.77
CA SER A 45 10.31 9.14 15.09
C SER A 45 11.43 8.46 14.31
N HIS A 46 11.14 7.41 13.54
CA HIS A 46 12.19 6.76 12.77
C HIS A 46 12.85 7.77 11.84
N PRO A 47 14.18 7.88 11.85
CA PRO A 47 14.85 8.83 10.94
C PRO A 47 14.44 8.70 9.49
N GLU A 48 14.06 7.50 9.07
CA GLU A 48 13.65 7.28 7.69
C GLU A 48 12.41 8.06 7.28
N PHE A 49 11.58 8.53 8.23
CA PHE A 49 10.40 9.29 7.86
C PHE A 49 10.63 10.80 7.79
N GLU A 50 11.74 11.30 8.35
CA GLU A 50 12.16 12.69 8.13
C GLU A 50 11.12 13.70 8.63
N GLY A 51 10.34 13.34 9.64
CA GLY A 51 9.33 14.25 10.13
C GLY A 51 8.05 14.30 9.31
N ARG A 52 7.95 13.50 8.25
CA ARG A 52 6.77 13.48 7.40
C ARG A 52 5.70 12.50 7.86
N ALA A 53 5.95 11.74 8.94
CA ALA A 53 4.98 10.79 9.47
C ALA A 53 4.44 11.28 10.81
N GLN A 54 3.16 11.02 11.05
CA GLN A 54 2.57 11.32 12.34
C GLN A 54 1.40 10.37 12.59
N MET A 55 1.17 10.07 13.85
CA MET A 55 -0.04 9.36 14.24
C MET A 55 -1.18 10.35 14.39
N VAL A 56 -2.32 10.01 13.83
CA VAL A 56 -3.50 10.87 13.93
C VAL A 56 -4.64 10.23 14.71
N LYS A 57 -4.63 8.92 14.93
CA LYS A 57 -5.75 8.27 15.60
C LYS A 57 -5.30 6.91 16.11
N THR A 58 -5.77 6.55 17.30
CA THR A 58 -5.66 5.19 17.80
C THR A 58 -6.93 4.84 18.53
N TYR A 59 -7.23 3.54 18.58
CA TYR A 59 -8.36 3.01 19.34
C TYR A 59 -7.89 2.24 20.57
N TYR A 60 -6.60 2.33 20.90
CA TYR A 60 -5.96 1.55 21.96
C TYR A 60 -5.23 2.51 22.92
N TYR A 61 -4.61 1.93 23.94
CA TYR A 61 -4.01 2.76 25.00
C TYR A 61 -2.85 3.60 24.51
N SER A 62 -2.29 3.28 23.35
CA SER A 62 -1.19 4.05 22.79
C SER A 62 -1.40 4.15 21.30
N SER A 63 -0.84 5.20 20.71
CA SER A 63 -0.75 5.26 19.25
C SER A 63 0.56 4.73 18.73
N ARG A 64 1.46 4.30 19.62
CA ARG A 64 2.74 3.77 19.18
C ARG A 64 2.55 2.40 18.53
N ASP A 65 3.41 2.12 17.56
CA ASP A 65 3.46 0.81 16.93
C ASP A 65 4.32 -0.10 17.79
N GLY A 66 3.66 -0.97 18.57
CA GLY A 66 4.37 -1.97 19.34
C GLY A 66 4.58 -3.28 18.61
N ASN A 67 4.25 -3.33 17.32
CA ASN A 67 4.37 -4.55 16.53
C ASN A 67 5.46 -4.46 15.48
N GLY A 68 5.42 -3.42 14.65
CA GLY A 68 6.35 -3.24 13.54
C GLY A 68 5.66 -3.26 12.19
N HIS A 69 4.56 -4.00 12.08
CA HIS A 69 3.89 -4.19 10.79
C HIS A 69 3.52 -2.86 10.14
N GLY A 70 2.86 -1.97 10.91
CA GLY A 70 2.45 -0.68 10.34
C GLY A 70 3.63 0.19 9.96
N THR A 71 4.70 0.15 10.76
CA THR A 71 5.91 0.92 10.44
C THR A 71 6.55 0.42 9.15
N HIS A 72 6.56 -0.91 8.96
CA HIS A 72 7.10 -1.49 7.74
C HIS A 72 6.30 -1.05 6.52
N CYS A 73 4.96 -1.16 6.61
CA CYS A 73 4.11 -0.72 5.51
C CYS A 73 4.28 0.77 5.22
N ALA A 74 4.29 1.59 6.27
CA ALA A 74 4.50 3.03 6.07
C ALA A 74 5.85 3.31 5.41
N GLY A 75 6.87 2.54 5.79
CA GLY A 75 8.17 2.71 5.16
C GLY A 75 8.15 2.44 3.67
N THR A 76 7.37 1.44 3.25
CA THR A 76 7.27 1.15 1.81
C THR A 76 6.50 2.24 1.08
N VAL A 77 5.52 2.86 1.74
CA VAL A 77 4.82 3.98 1.10
C VAL A 77 5.77 5.14 0.88
N GLY A 78 6.48 5.55 1.94
CA GLY A 78 7.07 6.87 1.94
C GLY A 78 8.35 7.12 2.72
N SER A 79 9.06 6.10 3.18
CA SER A 79 10.35 6.38 3.80
C SER A 79 11.37 6.83 2.75
N ARG A 80 12.41 7.51 3.22
CA ARG A 80 13.43 8.06 2.32
C ARG A 80 14.15 6.97 1.53
N THR A 81 14.52 5.86 2.18
CA THR A 81 15.25 4.78 1.51
C THR A 81 14.32 3.70 0.98
N TYR A 82 13.29 3.34 1.73
CA TYR A 82 12.50 2.16 1.39
C TYR A 82 11.18 2.49 0.74
N GLY A 83 10.87 3.77 0.52
CA GLY A 83 9.56 4.18 0.07
C GLY A 83 9.44 4.52 -1.40
N VAL A 84 8.22 4.32 -1.91
CA VAL A 84 7.88 4.66 -3.29
C VAL A 84 7.74 6.17 -3.48
N ALA A 85 7.04 6.83 -2.55
CA ALA A 85 6.68 8.25 -2.65
C ALA A 85 7.41 8.96 -1.52
N LYS A 86 8.64 9.37 -1.81
CA LYS A 86 9.58 9.75 -0.75
C LYS A 86 9.31 11.11 -0.13
N LYS A 87 8.34 11.87 -0.65
CA LYS A 87 8.00 13.17 -0.08
C LYS A 87 6.54 13.27 0.30
N THR A 88 5.80 12.17 0.33
CA THR A 88 4.41 12.22 0.76
C THR A 88 4.34 12.43 2.27
N GLN A 89 3.18 12.87 2.73
CA GLN A 89 2.89 12.94 4.16
C GLN A 89 2.18 11.66 4.56
N LEU A 90 2.61 11.08 5.69
CA LEU A 90 2.09 9.80 6.17
C LEU A 90 1.29 10.02 7.43
N PHE A 91 0.08 9.47 7.48
CA PHE A 91 -0.79 9.60 8.64
C PHE A 91 -1.14 8.21 9.15
N GLY A 92 -0.83 7.93 10.41
CA GLY A 92 -1.09 6.62 10.98
C GLY A 92 -2.42 6.57 11.72
N VAL A 93 -3.16 5.49 11.49
CA VAL A 93 -4.42 5.22 12.17
C VAL A 93 -4.30 3.81 12.74
N LYS A 94 -4.23 3.70 14.06
CA LYS A 94 -3.96 2.42 14.71
C LYS A 94 -5.28 1.71 15.00
N VAL A 95 -5.68 0.84 14.07
CA VAL A 95 -6.86 -0.02 14.25
C VAL A 95 -6.50 -1.43 14.69
N LEU A 96 -5.22 -1.80 14.70
CA LEU A 96 -4.77 -3.12 15.10
C LEU A 96 -3.92 -2.99 16.35
N ASP A 97 -4.07 -3.95 17.27
CA ASP A 97 -3.28 -3.97 18.48
C ASP A 97 -1.84 -4.39 18.19
N ASP A 98 -1.02 -4.44 19.24
CA ASP A 98 0.39 -4.73 19.05
C ASP A 98 0.67 -6.19 18.73
N ASN A 99 -0.34 -7.05 18.79
CA ASN A 99 -0.23 -8.40 18.22
C ASN A 99 -0.72 -8.47 16.79
N GLY A 100 -1.12 -7.34 16.20
CA GLY A 100 -1.57 -7.33 14.83
C GLY A 100 -3.03 -7.67 14.64
N SER A 101 -3.81 -7.72 15.70
CA SER A 101 -5.21 -8.12 15.63
C SER A 101 -6.12 -6.93 15.88
N GLY A 102 -7.33 -6.99 15.33
CA GLY A 102 -8.29 -5.94 15.54
C GLY A 102 -9.68 -6.38 15.16
N GLN A 103 -10.66 -5.83 15.86
CA GLN A 103 -12.05 -6.14 15.58
C GLN A 103 -12.51 -5.40 14.33
N TYR A 104 -13.40 -6.05 13.57
CA TYR A 104 -13.96 -5.42 12.38
C TYR A 104 -14.66 -4.09 12.71
N SER A 105 -15.31 -3.98 13.87
CA SER A 105 -15.98 -2.73 14.20
C SER A 105 -14.98 -1.59 14.32
N THR A 106 -13.80 -1.88 14.87
CA THR A 106 -12.76 -0.86 14.99
C THR A 106 -12.17 -0.52 13.63
N ILE A 107 -11.97 -1.53 12.80
CA ILE A 107 -11.43 -1.29 11.46
C ILE A 107 -12.39 -0.42 10.65
N ILE A 108 -13.70 -0.70 10.76
CA ILE A 108 -14.72 0.10 10.08
C ILE A 108 -14.68 1.54 10.58
N ALA A 109 -14.60 1.72 11.90
CA ALA A 109 -14.50 3.08 12.44
C ALA A 109 -13.29 3.81 11.91
N GLY A 110 -12.16 3.10 11.79
CA GLY A 110 -10.96 3.73 11.27
C GLY A 110 -11.09 4.17 9.83
N MET A 111 -11.79 3.40 9.01
CA MET A 111 -12.00 3.81 7.63
C MET A 111 -12.89 5.04 7.54
N ASP A 112 -13.99 5.04 8.30
CA ASP A 112 -14.85 6.22 8.31
C ASP A 112 -14.11 7.42 8.91
N PHE A 113 -13.20 7.18 9.86
CA PHE A 113 -12.38 8.25 10.39
C PHE A 113 -11.56 8.90 9.27
N VAL A 114 -10.92 8.10 8.42
CA VAL A 114 -10.07 8.66 7.37
C VAL A 114 -10.92 9.47 6.39
N ALA A 115 -12.12 8.98 6.06
CA ALA A 115 -12.96 9.68 5.10
C ALA A 115 -13.30 11.09 5.59
N SER A 116 -13.42 11.28 6.91
CA SER A 116 -13.66 12.62 7.43
C SER A 116 -12.37 13.37 7.71
N ASP A 117 -11.38 12.66 8.29
CA ASP A 117 -10.16 13.31 8.74
C ASP A 117 -9.37 13.95 7.61
N LYS A 118 -9.50 13.44 6.38
CA LYS A 118 -8.76 14.08 5.29
C LYS A 118 -9.14 15.54 5.12
N ASN A 119 -10.35 15.92 5.55
CA ASN A 119 -10.78 17.31 5.49
C ASN A 119 -10.09 18.16 6.54
N ASN A 120 -9.30 17.56 7.42
CA ASN A 120 -8.51 18.27 8.42
C ASN A 120 -7.04 18.32 8.04
N ARG A 121 -6.68 17.86 6.85
CA ARG A 121 -5.30 17.76 6.42
C ARG A 121 -5.11 18.50 5.10
N ASN A 122 -3.87 18.88 4.82
CA ASN A 122 -3.52 19.57 3.59
C ASN A 122 -2.90 18.57 2.62
N CYS A 123 -3.69 18.20 1.61
CA CYS A 123 -3.31 17.16 0.65
C CYS A 123 -3.76 17.63 -0.72
N PRO A 124 -3.20 18.75 -1.21
CA PRO A 124 -3.71 19.32 -2.47
C PRO A 124 -3.59 18.40 -3.65
N LYS A 125 -2.64 17.46 -3.63
CA LYS A 125 -2.45 16.53 -4.73
C LYS A 125 -3.29 15.26 -4.60
N GLY A 126 -3.92 15.03 -3.46
CA GLY A 126 -4.82 13.90 -3.30
C GLY A 126 -4.45 13.04 -2.09
N VAL A 127 -5.36 12.11 -1.80
CA VAL A 127 -5.34 11.29 -0.59
C VAL A 127 -5.43 9.82 -0.96
N VAL A 128 -4.62 9.01 -0.29
CA VAL A 128 -4.57 7.57 -0.48
C VAL A 128 -4.71 6.93 0.90
N ALA A 129 -5.29 5.73 0.94
CA ALA A 129 -5.32 4.92 2.15
C ALA A 129 -4.80 3.52 1.81
N SER A 130 -3.90 3.02 2.66
CA SER A 130 -3.28 1.72 2.50
C SER A 130 -3.75 0.82 3.63
N LEU A 131 -4.40 -0.30 3.27
CA LEU A 131 -5.01 -1.22 4.23
C LEU A 131 -4.38 -2.61 4.06
N SER A 132 -3.30 -2.85 4.81
CA SER A 132 -2.62 -4.14 4.80
C SER A 132 -3.19 -5.03 5.89
N LEU A 133 -4.47 -5.36 5.72
CA LEU A 133 -5.18 -6.16 6.72
C LEU A 133 -6.40 -6.78 6.07
N GLY A 134 -7.03 -7.69 6.80
CA GLY A 134 -8.29 -8.25 6.36
C GLY A 134 -8.65 -9.50 7.12
N GLY A 135 -9.82 -10.01 6.82
CA GLY A 135 -10.29 -11.26 7.40
C GLY A 135 -11.34 -11.84 6.49
N GLY A 136 -12.22 -12.67 7.05
CA GLY A 136 -13.25 -13.29 6.25
C GLY A 136 -14.26 -12.29 5.72
N TYR A 137 -15.06 -12.74 4.75
CA TYR A 137 -15.99 -11.85 4.07
C TYR A 137 -16.93 -11.17 5.06
N SER A 138 -17.07 -9.85 4.91
CA SER A 138 -18.01 -9.05 5.68
C SER A 138 -18.55 -7.96 4.77
N SER A 139 -19.85 -7.97 4.53
CA SER A 139 -20.45 -6.89 3.75
C SER A 139 -20.25 -5.53 4.40
N SER A 140 -20.27 -5.45 5.73
CA SER A 140 -20.10 -4.17 6.40
C SER A 140 -18.68 -3.65 6.23
N VAL A 141 -17.68 -4.54 6.27
CA VAL A 141 -16.30 -4.12 6.05
C VAL A 141 -16.11 -3.64 4.62
N ASN A 142 -16.69 -4.37 3.66
CA ASN A 142 -16.59 -3.95 2.27
C ASN A 142 -17.26 -2.60 2.05
N SER A 143 -18.43 -2.39 2.68
CA SER A 143 -19.14 -1.13 2.51
C SER A 143 -18.34 0.03 3.08
N ALA A 144 -17.63 -0.19 4.20
CA ALA A 144 -16.79 0.86 4.76
C ALA A 144 -15.66 1.22 3.81
N ALA A 145 -15.02 0.22 3.21
CA ALA A 145 -13.99 0.51 2.22
C ALA A 145 -14.56 1.22 1.00
N ALA A 146 -15.77 0.83 0.59
CA ALA A 146 -16.42 1.52 -0.52
C ALA A 146 -16.74 2.98 -0.18
N ARG A 147 -17.18 3.24 1.06
CA ARG A 147 -17.42 4.62 1.47
C ARG A 147 -16.13 5.44 1.44
N LEU A 148 -15.05 4.86 1.96
CA LEU A 148 -13.78 5.59 1.98
C LEU A 148 -13.36 5.96 0.57
N GLN A 149 -13.46 5.00 -0.36
CA GLN A 149 -13.14 5.27 -1.75
C GLN A 149 -14.05 6.34 -2.33
N SER A 150 -15.36 6.21 -2.11
CA SER A 150 -16.33 7.16 -2.64
C SER A 150 -16.06 8.58 -2.15
N SER A 151 -15.56 8.72 -0.92
CA SER A 151 -15.29 10.03 -0.34
C SER A 151 -14.14 10.77 -1.01
N GLY A 152 -13.39 10.12 -1.91
CA GLY A 152 -12.29 10.78 -2.59
C GLY A 152 -10.91 10.35 -2.12
N VAL A 153 -10.79 9.11 -1.65
CA VAL A 153 -9.53 8.53 -1.20
C VAL A 153 -9.23 7.31 -2.07
N MET A 154 -8.02 7.24 -2.59
CA MET A 154 -7.60 6.05 -3.32
C MET A 154 -7.33 4.94 -2.32
N VAL A 155 -8.19 3.92 -2.29
CA VAL A 155 -8.08 2.84 -1.31
C VAL A 155 -7.38 1.63 -1.92
N ALA A 156 -6.26 1.25 -1.32
CA ALA A 156 -5.50 0.07 -1.71
C ALA A 156 -5.55 -0.93 -0.56
N VAL A 157 -5.95 -2.17 -0.87
CA VAL A 157 -6.12 -3.20 0.14
C VAL A 157 -5.37 -4.47 -0.24
N ALA A 158 -4.91 -5.18 0.77
CA ALA A 158 -4.19 -6.43 0.55
C ALA A 158 -5.15 -7.54 0.13
N ALA A 159 -4.70 -8.37 -0.82
CA ALA A 159 -5.56 -9.47 -1.27
C ALA A 159 -5.66 -10.57 -0.23
N GLY A 160 -4.66 -10.72 0.62
CA GLY A 160 -4.63 -11.78 1.60
C GLY A 160 -3.59 -12.84 1.25
N ASN A 161 -3.24 -13.64 2.26
CA ASN A 161 -2.07 -14.53 2.20
C ASN A 161 -2.44 -16.01 2.34
N ASN A 162 -3.61 -16.39 1.83
CA ASN A 162 -4.13 -17.73 1.98
C ASN A 162 -3.95 -18.61 0.74
N ASN A 163 -3.28 -18.11 -0.30
CA ASN A 163 -3.20 -18.82 -1.59
C ASN A 163 -4.60 -19.30 -1.99
N ALA A 164 -5.56 -18.38 -1.96
CA ALA A 164 -6.96 -18.71 -2.15
C ALA A 164 -7.62 -17.58 -2.93
N ASP A 165 -8.86 -17.81 -3.34
CA ASP A 165 -9.60 -16.77 -4.03
C ASP A 165 -9.99 -15.66 -3.04
N ALA A 166 -9.58 -14.42 -3.36
CA ALA A 166 -9.81 -13.27 -2.50
C ALA A 166 -11.28 -12.88 -2.40
N ARG A 167 -12.16 -13.48 -3.19
CA ARG A 167 -13.60 -13.22 -3.08
C ARG A 167 -14.12 -13.49 -1.68
N ASN A 168 -13.43 -14.32 -0.91
CA ASN A 168 -13.90 -14.73 0.41
C ASN A 168 -13.27 -13.95 1.54
N TYR A 169 -12.63 -12.81 1.25
CA TYR A 169 -11.95 -12.02 2.25
C TYR A 169 -12.36 -10.56 2.11
N SER A 170 -12.30 -9.82 3.22
CA SER A 170 -12.66 -8.41 3.23
C SER A 170 -11.57 -7.60 3.93
N PRO A 171 -11.30 -6.38 3.46
CA PRO A 171 -11.96 -5.68 2.35
C PRO A 171 -11.48 -6.09 0.93
N ALA A 172 -10.66 -7.13 0.83
CA ALA A 172 -10.14 -7.59 -0.46
C ALA A 172 -11.24 -7.74 -1.51
N SER A 173 -12.43 -8.24 -1.12
CA SER A 173 -13.44 -8.57 -2.13
C SER A 173 -14.29 -7.38 -2.54
N GLU A 174 -14.05 -6.19 -1.99
CA GLU A 174 -14.88 -5.04 -2.35
C GLU A 174 -14.50 -4.58 -3.76
N PRO A 175 -15.44 -4.57 -4.71
CA PRO A 175 -15.06 -4.28 -6.09
C PRO A 175 -14.52 -2.88 -6.32
N SER A 176 -14.94 -1.88 -5.55
CA SER A 176 -14.62 -0.50 -5.87
C SER A 176 -13.27 -0.02 -5.35
N VAL A 177 -12.56 -0.84 -4.58
CA VAL A 177 -11.24 -0.49 -4.10
C VAL A 177 -10.19 -1.26 -4.89
N CYS A 178 -8.91 -0.95 -4.66
CA CYS A 178 -7.81 -1.53 -5.42
C CYS A 178 -7.22 -2.69 -4.62
N THR A 179 -7.49 -3.92 -5.07
CA THR A 179 -7.06 -5.12 -4.36
C THR A 179 -5.73 -5.63 -4.92
N VAL A 180 -4.74 -5.80 -4.04
CA VAL A 180 -3.35 -5.93 -4.44
C VAL A 180 -2.83 -7.31 -4.08
N GLY A 181 -2.40 -8.08 -5.11
CA GLY A 181 -1.67 -9.32 -4.89
C GLY A 181 -0.16 -9.11 -4.82
N ALA A 182 0.55 -10.18 -4.48
CA ALA A 182 1.99 -10.09 -4.24
C ALA A 182 2.78 -10.93 -5.24
N SER A 183 3.93 -10.38 -5.66
CA SER A 183 4.89 -11.05 -6.54
C SER A 183 6.27 -11.06 -5.90
N ASP A 184 7.17 -11.87 -6.46
CA ASP A 184 8.54 -11.98 -5.99
C ASP A 184 9.52 -11.40 -7.00
N ARG A 185 10.81 -11.45 -6.62
CA ARG A 185 11.82 -10.75 -7.41
C ARG A 185 12.08 -11.39 -8.77
N TYR A 186 11.59 -12.61 -8.98
CA TYR A 186 11.70 -13.29 -10.26
C TYR A 186 10.40 -13.24 -11.05
N ASP A 187 9.50 -12.32 -10.68
CA ASP A 187 8.22 -12.13 -11.36
C ASP A 187 7.35 -13.37 -11.29
N ARG A 188 7.40 -14.07 -10.17
CA ARG A 188 6.47 -15.16 -9.88
C ARG A 188 5.42 -14.65 -8.90
N ARG A 189 4.18 -15.11 -9.03
CA ARG A 189 3.21 -14.86 -7.97
C ARG A 189 3.79 -15.39 -6.67
N SER A 190 3.73 -14.57 -5.62
CA SER A 190 4.20 -15.03 -4.31
C SER A 190 3.41 -16.25 -3.88
N SER A 191 4.09 -17.18 -3.20
CA SER A 191 3.51 -18.49 -2.93
C SER A 191 2.22 -18.39 -2.12
N PHE A 192 2.14 -17.39 -1.25
CA PHE A 192 1.00 -17.19 -0.37
C PHE A 192 -0.07 -16.28 -0.94
N SER A 193 0.19 -15.61 -2.05
CA SER A 193 -0.73 -14.56 -2.50
C SER A 193 -2.09 -15.12 -2.87
N ASN A 194 -3.14 -14.48 -2.36
CA ASN A 194 -4.47 -14.75 -2.88
C ASN A 194 -4.54 -14.31 -4.34
N TYR A 195 -5.58 -14.76 -5.01
CA TYR A 195 -5.78 -14.53 -6.44
C TYR A 195 -7.27 -14.36 -6.67
N GLY A 196 -7.67 -14.30 -7.93
CA GLY A 196 -9.07 -14.27 -8.28
C GLY A 196 -9.44 -13.02 -9.05
N SER A 197 -10.69 -13.03 -9.54
CA SER A 197 -11.20 -11.93 -10.36
C SER A 197 -11.21 -10.59 -9.61
N VAL A 198 -11.30 -10.60 -8.28
CA VAL A 198 -11.37 -9.34 -7.54
C VAL A 198 -10.02 -8.62 -7.48
N LEU A 199 -8.91 -9.30 -7.77
CA LEU A 199 -7.62 -8.60 -7.77
C LEU A 199 -7.57 -7.61 -8.92
N ASP A 200 -6.95 -6.46 -8.66
CA ASP A 200 -6.76 -5.44 -9.68
C ASP A 200 -5.33 -5.33 -10.17
N ILE A 201 -4.36 -5.74 -9.35
CA ILE A 201 -2.96 -5.42 -9.61
C ILE A 201 -2.11 -6.27 -8.68
N PHE A 202 -0.87 -6.54 -9.08
CA PHE A 202 0.15 -7.12 -8.24
C PHE A 202 1.25 -6.10 -7.96
N GLY A 203 1.84 -6.21 -6.78
CA GLY A 203 3.04 -5.47 -6.46
C GLY A 203 4.04 -6.35 -5.74
N PRO A 204 5.26 -5.86 -5.57
CA PRO A 204 6.31 -6.64 -4.87
C PRO A 204 5.90 -6.98 -3.44
N GLY A 205 5.94 -8.26 -3.11
CA GLY A 205 5.48 -8.71 -1.81
C GLY A 205 6.35 -9.75 -1.10
N THR A 206 7.33 -10.32 -1.77
CA THR A 206 8.20 -11.31 -1.17
C THR A 206 9.57 -10.70 -0.89
N ASP A 207 10.01 -10.81 0.38
CA ASP A 207 11.32 -10.33 0.82
C ASP A 207 11.50 -8.83 0.60
N ILE A 208 10.65 -8.05 1.26
CA ILE A 208 10.60 -6.60 1.12
C ILE A 208 11.26 -5.95 2.31
N LEU A 209 12.37 -5.24 2.06
CA LEU A 209 13.07 -4.48 3.09
C LEU A 209 12.38 -3.14 3.33
N SER A 210 12.14 -2.83 4.60
CA SER A 210 11.56 -1.55 4.98
C SER A 210 11.89 -1.27 6.44
N THR A 211 11.35 -0.15 6.93
CA THR A 211 11.54 0.28 8.30
C THR A 211 10.89 -0.69 9.29
N TRP A 212 11.41 -0.68 10.51
CA TRP A 212 10.85 -1.45 11.62
C TRP A 212 10.97 -0.62 12.88
N ILE A 213 10.26 -1.05 13.92
CA ILE A 213 10.30 -0.33 15.18
C ILE A 213 11.68 -0.43 15.83
N GLY A 214 11.93 0.47 16.77
CA GLY A 214 13.26 0.59 17.35
C GLY A 214 14.26 1.21 16.41
N GLY A 215 13.80 2.00 15.44
CA GLY A 215 14.70 2.65 14.51
C GLY A 215 15.47 1.70 13.63
N SER A 216 14.90 0.53 13.33
CA SER A 216 15.58 -0.55 12.67
C SER A 216 15.01 -0.77 11.26
N THR A 217 15.43 -1.86 10.63
CA THR A 217 14.90 -2.29 9.33
C THR A 217 14.84 -3.80 9.31
N ARG A 218 13.95 -4.34 8.48
CA ARG A 218 13.95 -5.78 8.24
C ARG A 218 13.19 -6.09 6.97
N SER A 219 13.39 -7.32 6.49
CA SER A 219 12.76 -7.81 5.27
C SER A 219 11.71 -8.84 5.69
N ILE A 220 10.45 -8.61 5.27
CA ILE A 220 9.35 -9.54 5.50
C ILE A 220 8.52 -9.64 4.22
N SER A 221 7.55 -10.57 4.24
CA SER A 221 6.78 -10.93 3.05
C SER A 221 5.29 -10.91 3.34
N GLY A 222 4.52 -10.53 2.33
CA GLY A 222 3.07 -10.60 2.42
C GLY A 222 2.41 -9.72 1.39
N THR A 223 1.11 -9.98 1.18
CA THR A 223 0.34 -8.99 0.42
C THR A 223 0.26 -7.67 1.17
N SER A 224 0.53 -7.70 2.48
CA SER A 224 0.66 -6.48 3.26
C SER A 224 1.81 -5.62 2.78
N MET A 225 2.84 -6.22 2.19
CA MET A 225 3.98 -5.49 1.66
C MET A 225 3.74 -4.99 0.23
N ALA A 226 2.95 -5.73 -0.53
CA ALA A 226 2.65 -5.32 -1.90
C ALA A 226 1.72 -4.10 -1.92
N THR A 227 0.74 -4.09 -1.01
CA THR A 227 -0.25 -3.01 -0.93
C THR A 227 0.38 -1.63 -0.80
N PRO A 228 1.34 -1.39 0.09
CA PRO A 228 1.91 -0.04 0.19
C PRO A 228 2.74 0.36 -1.01
N HIS A 229 3.26 -0.59 -1.81
CA HIS A 229 3.87 -0.20 -3.06
C HIS A 229 2.85 0.48 -3.98
N VAL A 230 1.66 -0.11 -4.06
CA VAL A 230 0.60 0.45 -4.90
C VAL A 230 0.06 1.74 -4.31
N ALA A 231 -0.08 1.80 -2.97
CA ALA A 231 -0.54 3.04 -2.34
C ALA A 231 0.45 4.18 -2.59
N GLY A 232 1.74 3.92 -2.39
CA GLY A 232 2.73 4.93 -2.69
C GLY A 232 2.78 5.30 -4.17
N LEU A 233 2.62 4.31 -5.05
CA LEU A 233 2.57 4.60 -6.47
C LEU A 233 1.40 5.54 -6.81
N ALA A 234 0.23 5.27 -6.24
CA ALA A 234 -0.92 6.14 -6.48
C ALA A 234 -0.63 7.57 -6.04
N ALA A 235 -0.04 7.74 -4.85
CA ALA A 235 0.28 9.08 -4.36
C ALA A 235 1.26 9.78 -5.30
N TYR A 236 2.27 9.06 -5.74
CA TYR A 236 3.25 9.59 -6.69
C TYR A 236 2.58 10.02 -8.00
N LEU A 237 1.68 9.18 -8.53
CA LEU A 237 1.02 9.52 -9.80
C LEU A 237 0.02 10.66 -9.65
N MET A 238 -0.65 10.75 -8.50
CA MET A 238 -1.55 11.87 -8.25
C MET A 238 -0.78 13.18 -8.14
N THR A 239 0.38 13.16 -7.47
CA THR A 239 1.20 14.37 -7.43
C THR A 239 1.63 14.80 -8.82
N LEU A 240 1.93 13.84 -9.71
CA LEU A 240 2.28 14.19 -11.08
C LEU A 240 1.10 14.70 -11.88
N GLY A 241 -0.12 14.60 -11.36
CA GLY A 241 -1.30 15.00 -12.11
C GLY A 241 -1.74 14.00 -13.14
N LYS A 242 -1.24 12.76 -13.10
CA LYS A 242 -1.57 11.78 -14.13
C LYS A 242 -2.90 11.08 -13.87
N THR A 243 -3.40 11.10 -12.63
CA THR A 243 -4.63 10.42 -12.28
C THR A 243 -5.18 11.05 -11.01
N THR A 244 -6.33 10.55 -10.56
CA THR A 244 -7.05 11.05 -9.40
C THR A 244 -7.36 9.88 -8.49
N ALA A 245 -7.85 10.17 -7.28
CA ALA A 245 -8.18 9.10 -6.34
C ALA A 245 -9.21 8.15 -6.94
N ALA A 246 -10.20 8.68 -7.66
CA ALA A 246 -11.26 7.84 -8.19
C ALA A 246 -10.77 6.94 -9.32
N SER A 247 -9.77 7.38 -10.07
CA SER A 247 -9.34 6.68 -11.27
C SER A 247 -7.98 6.01 -11.14
N ALA A 248 -7.30 6.13 -10.00
CA ALA A 248 -5.90 5.71 -9.91
C ALA A 248 -5.74 4.20 -10.04
N CYS A 249 -6.65 3.41 -9.45
CA CYS A 249 -6.53 1.97 -9.59
C CYS A 249 -6.61 1.56 -11.06
N ARG A 250 -7.57 2.11 -11.78
CA ARG A 250 -7.72 1.80 -13.19
C ARG A 250 -6.51 2.28 -13.99
N TYR A 251 -5.99 3.45 -13.65
CA TYR A 251 -4.81 3.98 -14.34
C TYR A 251 -3.60 3.11 -14.09
N ILE A 252 -3.42 2.63 -12.86
CA ILE A 252 -2.31 1.74 -12.56
C ILE A 252 -2.44 0.44 -13.34
N ALA A 253 -3.66 -0.08 -13.45
CA ALA A 253 -3.86 -1.28 -14.26
C ALA A 253 -3.60 -1.00 -15.75
N ASP A 254 -4.05 0.16 -16.25
CA ASP A 254 -3.85 0.52 -17.66
C ASP A 254 -2.36 0.58 -17.99
N THR A 255 -1.55 1.08 -17.08
CA THR A 255 -0.16 1.37 -17.33
C THR A 255 0.78 0.29 -16.77
N ALA A 256 0.22 -0.82 -16.30
CA ALA A 256 1.02 -1.86 -15.66
C ALA A 256 1.88 -2.60 -16.67
N ASN A 257 2.91 -3.28 -16.17
CA ASN A 257 3.56 -4.31 -16.97
C ASN A 257 2.62 -5.51 -17.07
N LYS A 258 2.38 -5.97 -18.30
CA LYS A 258 1.31 -6.92 -18.59
C LYS A 258 1.86 -8.26 -19.04
N GLY A 259 1.31 -9.34 -18.49
CA GLY A 259 1.67 -10.67 -18.92
C GLY A 259 3.05 -11.13 -18.52
N ASP A 260 3.68 -10.48 -17.54
CA ASP A 260 5.06 -10.80 -17.19
C ASP A 260 5.20 -11.68 -15.95
N LEU A 261 4.11 -11.95 -15.23
CA LEU A 261 4.19 -12.75 -14.01
C LEU A 261 3.88 -14.20 -14.33
N SER A 262 4.55 -15.11 -13.62
CA SER A 262 4.28 -16.54 -13.72
C SER A 262 3.40 -17.02 -12.58
N ASN A 263 2.77 -18.17 -12.80
CA ASN A 263 1.86 -18.81 -11.85
C ASN A 263 0.67 -17.92 -11.47
N ILE A 264 0.16 -17.16 -12.45
CA ILE A 264 -1.08 -16.41 -12.29
C ILE A 264 -2.22 -17.33 -12.74
N PRO A 265 -3.16 -17.67 -11.85
CA PRO A 265 -4.25 -18.57 -12.26
C PRO A 265 -5.08 -17.96 -13.37
N PHE A 266 -5.58 -18.82 -14.25
CA PHE A 266 -6.50 -18.41 -15.29
C PHE A 266 -7.65 -17.63 -14.64
N GLY A 267 -7.92 -16.43 -15.16
CA GLY A 267 -8.98 -15.60 -14.64
C GLY A 267 -8.54 -14.50 -13.70
N THR A 268 -7.28 -14.49 -13.29
CA THR A 268 -6.70 -13.44 -12.47
C THR A 268 -5.85 -12.54 -13.37
N VAL A 269 -5.92 -11.22 -13.15
CA VAL A 269 -5.14 -10.30 -13.98
C VAL A 269 -3.65 -10.60 -13.86
N ASN A 270 -2.94 -10.43 -14.96
CA ASN A 270 -1.49 -10.56 -14.98
C ASN A 270 -0.94 -9.16 -15.22
N LEU A 271 -0.93 -8.37 -14.16
CA LEU A 271 -0.61 -6.95 -14.22
C LEU A 271 0.27 -6.62 -13.02
N LEU A 272 1.42 -6.00 -13.28
CA LEU A 272 2.39 -5.66 -12.24
C LEU A 272 2.57 -4.14 -12.23
N ALA A 273 2.39 -3.54 -11.05
CA ALA A 273 2.45 -2.08 -10.91
C ALA A 273 3.75 -1.52 -11.47
N TYR A 274 3.64 -0.40 -12.19
CA TYR A 274 4.75 0.17 -12.93
C TYR A 274 4.53 1.68 -13.04
N ASN A 275 5.58 2.46 -12.74
CA ASN A 275 5.43 3.91 -12.71
C ASN A 275 5.62 4.58 -14.06
N ASN A 276 6.06 3.84 -15.08
CA ASN A 276 6.25 4.38 -16.43
C ASN A 276 7.08 5.65 -16.43
N TYR A 277 8.04 5.75 -15.51
CA TYR A 277 8.89 6.93 -15.48
C TYR A 277 9.98 6.81 -16.52
N GLN A 278 10.09 7.81 -17.36
CA GLN A 278 11.14 7.86 -18.37
C GLN A 278 12.15 8.92 -17.94
N ALA A 279 13.32 8.48 -17.48
CA ALA A 279 14.34 9.40 -17.00
C ALA A 279 14.89 10.26 -18.12
#